data_4Q2G
#
_entry.id   4Q2G
#
_cell.length_a   141.410
_cell.length_b   141.410
_cell.length_c   197.760
_cell.angle_alpha   90.00
_cell.angle_beta   90.00
_cell.angle_gamma   120.00
#
_symmetry.space_group_name_H-M   'P 65 2 2'
#
loop_
_entity.id
_entity.type
_entity.pdbx_description
1 polymer 'Phosphatidate cytidylyltransferase'
2 non-polymer 'MERCURY (II) ION'
3 non-polymer 'MAGNESIUM ION'
4 non-polymer 'nonyl beta-D-glucopyranoside'
#
_entity_poly.entity_id   1
_entity_poly.type   'polypeptide(L)'
_entity_poly.pdbx_seq_one_letter_code
;MGSSHHHHHHSSGLVPRGSHMDDLKTRVITASVVAPFVVLCFVSYESLIGLVSAILILAGYELITLEMKERDARFFYVIL
LALYPVLYGLVFEEPTQPLSILFITGVVFSLITDKDPSQVFKTVAAFSIALIYVTFFLSFFLPIYRDFGAANALLVLTST
WVFDSFAYFTGLKFGRTRISPRYSPRKSLEGVIGGFLGVVIYTFLYRLVVNDLLSVNVICFRTFLPFAATVAIMDTFGDI
FESALKRHYGVKDSGKTLPGHGGMLDRIDGLLFVAPVCYIVFKILEGVVR
;
_entity_poly.pdbx_strand_id   A,B
#
loop_
_chem_comp.id
_chem_comp.type
_chem_comp.name
_chem_comp.formula
BNG D-saccharide 'nonyl beta-D-glucopyranoside' 'C15 H30 O6'
HG non-polymer 'MERCURY (II) ION' 'Hg 2'
MG non-polymer 'MAGNESIUM ION' 'Mg 2'
#
# COMPACT_ATOMS: atom_id res chain seq x y z
N THR A 30 -23.34 6.83 -25.93
CA THR A 30 -22.18 6.26 -25.20
C THR A 30 -20.83 6.76 -25.76
N ALA A 31 -20.24 5.94 -26.65
CA ALA A 31 -18.94 6.15 -27.30
C ALA A 31 -18.49 7.53 -27.84
N SER A 32 -19.42 8.43 -28.13
CA SER A 32 -19.06 9.76 -28.63
C SER A 32 -18.52 10.67 -27.52
N VAL A 33 -19.06 10.52 -26.31
CA VAL A 33 -18.67 11.32 -25.15
C VAL A 33 -17.54 10.71 -24.28
N VAL A 34 -17.50 9.38 -24.16
CA VAL A 34 -16.45 8.70 -23.38
C VAL A 34 -15.07 9.25 -23.68
N ALA A 35 -14.71 9.30 -24.95
CA ALA A 35 -13.40 9.81 -25.35
C ALA A 35 -13.17 11.29 -24.97
N PRO A 36 -14.02 12.23 -25.46
CA PRO A 36 -13.82 13.65 -25.13
C PRO A 36 -14.20 14.10 -23.71
N PHE A 37 -15.14 13.40 -23.07
CA PHE A 37 -15.50 13.76 -21.69
C PHE A 37 -14.23 13.62 -20.86
N VAL A 38 -13.62 12.45 -20.97
CA VAL A 38 -12.38 12.14 -20.28
C VAL A 38 -11.35 13.24 -20.56
N VAL A 39 -10.99 13.41 -21.82
CA VAL A 39 -10.01 14.41 -22.23
C VAL A 39 -10.29 15.83 -21.71
N LEU A 40 -11.52 16.28 -21.86
CA LEU A 40 -11.90 17.61 -21.41
C LEU A 40 -11.68 17.79 -19.91
N CYS A 41 -11.41 16.69 -19.23
CA CYS A 41 -11.19 16.70 -17.79
C CYS A 41 -9.74 17.01 -17.43
N PHE A 42 -8.82 16.63 -18.32
CA PHE A 42 -7.40 16.88 -18.07
C PHE A 42 -7.05 18.36 -18.01
N VAL A 43 -8.06 19.21 -18.09
CA VAL A 43 -7.86 20.66 -18.06
C VAL A 43 -7.40 21.17 -16.70
N SER A 44 -8.14 20.84 -15.64
CA SER A 44 -7.78 21.27 -14.29
C SER A 44 -7.15 20.13 -13.54
N TYR A 45 -6.40 20.47 -12.50
CA TYR A 45 -5.78 19.46 -11.65
C TYR A 45 -6.96 18.89 -10.88
N GLU A 46 -7.84 19.82 -10.52
CA GLU A 46 -9.04 19.53 -9.75
C GLU A 46 -10.11 18.83 -10.58
N SER A 47 -10.01 18.98 -11.89
CA SER A 47 -10.94 18.32 -12.79
C SER A 47 -10.45 16.88 -12.88
N LEU A 48 -9.13 16.74 -13.00
CA LEU A 48 -8.50 15.44 -13.10
C LEU A 48 -8.90 14.62 -11.89
N ILE A 49 -8.77 15.23 -10.72
CA ILE A 49 -9.14 14.60 -9.47
C ILE A 49 -10.58 14.05 -9.56
N GLY A 50 -11.51 14.93 -9.93
CA GLY A 50 -12.92 14.56 -10.07
C GLY A 50 -13.20 13.40 -11.00
N LEU A 51 -12.40 13.26 -12.05
CA LEU A 51 -12.56 12.16 -12.99
C LEU A 51 -12.08 10.88 -12.27
N VAL A 52 -10.86 10.93 -11.73
CA VAL A 52 -10.27 9.80 -11.04
C VAL A 52 -11.19 9.34 -9.94
N SER A 53 -11.75 10.30 -9.22
CA SER A 53 -12.67 9.96 -8.12
C SER A 53 -13.84 9.13 -8.65
N ALA A 54 -14.50 9.66 -9.67
CA ALA A 54 -15.66 9.02 -10.32
C ALA A 54 -15.30 7.62 -10.76
N ILE A 55 -14.24 7.50 -11.54
CA ILE A 55 -13.77 6.22 -12.06
C ILE A 55 -13.49 5.18 -10.97
N LEU A 56 -13.03 5.65 -9.82
CA LEU A 56 -12.73 4.78 -8.68
C LEU A 56 -13.98 4.24 -7.99
N ILE A 57 -15.00 5.08 -7.85
CA ILE A 57 -16.25 4.62 -7.23
C ILE A 57 -16.76 3.47 -8.10
N LEU A 58 -16.70 3.69 -9.42
CA LEU A 58 -17.14 2.71 -10.40
C LEU A 58 -16.27 1.46 -10.33
N ALA A 59 -15.02 1.57 -10.78
CA ALA A 59 -14.09 0.44 -10.78
C ALA A 59 -13.99 -0.24 -9.42
N GLY A 60 -14.04 0.57 -8.37
CA GLY A 60 -13.96 0.05 -7.00
C GLY A 60 -15.20 -0.75 -6.67
N TYR A 61 -16.38 -0.18 -6.94
CA TYR A 61 -17.65 -0.85 -6.69
C TYR A 61 -17.60 -2.25 -7.25
N GLU A 62 -17.15 -2.34 -8.49
CA GLU A 62 -17.03 -3.60 -9.21
C GLU A 62 -16.14 -4.64 -8.53
N LEU A 63 -14.87 -4.31 -8.31
CA LEU A 63 -13.91 -5.25 -7.69
C LEU A 63 -14.29 -5.69 -6.29
N ILE A 64 -14.95 -4.82 -5.56
CA ILE A 64 -15.39 -5.14 -4.22
C ILE A 64 -16.64 -6.03 -4.28
N THR A 65 -17.54 -5.73 -5.21
CA THR A 65 -18.77 -6.49 -5.37
C THR A 65 -18.56 -7.97 -5.69
N LEU A 66 -17.39 -8.32 -6.21
CA LEU A 66 -17.11 -9.72 -6.51
C LEU A 66 -16.86 -10.49 -5.23
N GLU A 67 -16.45 -9.77 -4.18
CA GLU A 67 -16.19 -10.37 -2.86
C GLU A 67 -17.34 -10.15 -1.89
N MET A 68 -18.23 -9.23 -2.24
CA MET A 68 -19.38 -8.94 -1.39
C MET A 68 -20.65 -8.72 -2.20
N LYS A 69 -21.69 -9.46 -1.86
CA LYS A 69 -23.01 -9.31 -2.47
C LYS A 69 -23.89 -8.80 -1.31
N GLU A 70 -23.16 -8.50 -0.23
CA GLU A 70 -23.62 -8.01 1.06
C GLU A 70 -23.94 -6.51 1.03
N ARG A 71 -25.08 -6.17 1.64
CA ARG A 71 -25.60 -4.81 1.70
C ARG A 71 -24.62 -3.65 1.95
N ASP A 72 -24.30 -3.38 3.22
CA ASP A 72 -23.41 -2.26 3.58
C ASP A 72 -21.94 -2.47 3.19
N ALA A 73 -21.41 -3.63 3.53
CA ALA A 73 -20.01 -3.97 3.25
C ALA A 73 -19.48 -3.25 2.03
N ARG A 74 -19.95 -3.67 0.86
CA ARG A 74 -19.53 -3.07 -0.38
C ARG A 74 -19.32 -1.56 -0.29
N PHE A 75 -20.42 -0.86 -0.08
CA PHE A 75 -20.43 0.60 -0.06
C PHE A 75 -19.44 1.39 0.77
N PHE A 76 -19.20 0.94 1.99
CA PHE A 76 -18.27 1.63 2.86
C PHE A 76 -16.88 1.65 2.20
N TYR A 77 -16.35 0.45 1.94
CA TYR A 77 -15.03 0.29 1.33
C TYR A 77 -14.97 0.97 -0.03
N VAL A 78 -16.12 1.09 -0.66
CA VAL A 78 -16.17 1.74 -1.95
C VAL A 78 -15.83 3.21 -1.71
N ILE A 79 -16.54 3.83 -0.78
CA ILE A 79 -16.30 5.23 -0.46
C ILE A 79 -14.84 5.48 -0.12
N LEU A 80 -14.26 4.58 0.65
CA LEU A 80 -12.85 4.73 1.01
C LEU A 80 -12.07 4.81 -0.30
N LEU A 81 -12.15 3.76 -1.14
CA LEU A 81 -11.46 3.72 -2.43
C LEU A 81 -11.60 4.98 -3.31
N ALA A 82 -12.70 5.70 -3.15
CA ALA A 82 -12.96 6.91 -3.93
C ALA A 82 -12.37 8.17 -3.30
N LEU A 83 -12.22 8.16 -1.98
CA LEU A 83 -11.70 9.32 -1.27
C LEU A 83 -10.22 9.63 -1.50
N TYR A 84 -9.40 8.61 -1.65
CA TYR A 84 -7.97 8.80 -1.82
C TYR A 84 -7.48 9.93 -2.71
N PRO A 85 -8.02 10.05 -3.93
CA PRO A 85 -7.58 11.12 -4.83
C PRO A 85 -7.73 12.50 -4.22
N VAL A 86 -8.89 12.76 -3.64
CA VAL A 86 -9.14 14.04 -3.00
C VAL A 86 -8.18 14.26 -1.80
N LEU A 87 -8.22 13.35 -0.83
CA LEU A 87 -7.39 13.41 0.37
C LEU A 87 -5.93 13.59 0.03
N TYR A 88 -5.47 12.83 -0.98
CA TYR A 88 -4.10 12.85 -1.47
C TYR A 88 -3.77 14.16 -2.15
N GLY A 89 -4.63 14.60 -3.05
CA GLY A 89 -4.35 15.84 -3.77
C GLY A 89 -4.61 17.15 -3.05
N LEU A 90 -5.78 17.25 -2.44
CA LEU A 90 -6.20 18.48 -1.77
C LEU A 90 -5.96 18.57 -0.27
N VAL A 91 -6.48 17.60 0.49
CA VAL A 91 -6.31 17.60 1.95
C VAL A 91 -4.83 17.53 2.35
N PHE A 92 -4.21 16.35 2.22
CA PHE A 92 -2.78 16.22 2.52
C PHE A 92 -2.08 16.48 1.19
N GLU A 93 -1.00 17.24 1.16
CA GLU A 93 -0.33 17.43 -0.13
C GLU A 93 0.63 16.26 -0.20
N GLU A 94 0.19 15.13 0.35
CA GLU A 94 1.01 13.94 0.42
C GLU A 94 0.17 12.68 0.18
N PRO A 95 0.78 11.63 -0.41
CA PRO A 95 0.17 10.34 -0.73
C PRO A 95 0.06 9.31 0.41
N THR A 96 1.20 8.90 0.96
CA THR A 96 1.26 7.88 2.02
C THR A 96 0.35 8.12 3.23
N GLN A 97 0.24 9.35 3.71
CA GLN A 97 -0.60 9.60 4.88
C GLN A 97 -2.04 9.13 4.73
N PRO A 98 -2.76 9.62 3.69
CA PRO A 98 -4.14 9.13 3.56
C PRO A 98 -4.27 7.66 3.13
N LEU A 99 -3.23 7.12 2.50
CA LEU A 99 -3.28 5.72 2.08
C LEU A 99 -3.37 4.84 3.35
N SER A 100 -2.49 5.11 4.30
CA SER A 100 -2.46 4.35 5.54
C SER A 100 -3.78 4.44 6.31
N ILE A 101 -4.37 5.63 6.38
CA ILE A 101 -5.62 5.75 7.12
C ILE A 101 -6.84 5.22 6.42
N LEU A 102 -6.81 5.14 5.10
CA LEU A 102 -7.96 4.60 4.38
C LEU A 102 -7.97 3.11 4.68
N PHE A 103 -6.78 2.53 4.76
CA PHE A 103 -6.61 1.11 5.06
C PHE A 103 -7.01 0.84 6.51
N ILE A 104 -6.47 1.64 7.40
CA ILE A 104 -6.79 1.50 8.80
C ILE A 104 -8.29 1.66 9.02
N THR A 105 -8.91 2.69 8.44
CA THR A 105 -10.37 2.88 8.63
C THR A 105 -11.16 1.67 8.12
N GLY A 106 -10.65 1.08 7.04
CA GLY A 106 -11.29 -0.08 6.42
C GLY A 106 -11.25 -1.30 7.31
N VAL A 107 -10.07 -1.62 7.82
CA VAL A 107 -9.89 -2.77 8.71
C VAL A 107 -10.68 -2.60 10.00
N VAL A 108 -10.66 -1.39 10.55
CA VAL A 108 -11.42 -1.10 11.76
C VAL A 108 -12.87 -1.48 11.47
N PHE A 109 -13.40 -0.97 10.35
CA PHE A 109 -14.77 -1.25 9.95
C PHE A 109 -15.04 -2.75 9.87
N SER A 110 -14.21 -3.47 9.12
CA SER A 110 -14.42 -4.91 8.98
C SER A 110 -14.33 -5.68 10.28
N LEU A 111 -13.64 -5.13 11.27
CA LEU A 111 -13.52 -5.79 12.55
C LEU A 111 -14.86 -5.62 13.27
N ILE A 112 -15.39 -4.40 13.20
CA ILE A 112 -16.67 -4.06 13.80
C ILE A 112 -17.77 -4.91 13.15
N THR A 113 -17.91 -4.80 11.83
CA THR A 113 -18.95 -5.53 11.08
C THR A 113 -18.78 -7.05 10.98
N ASP A 114 -17.77 -7.52 10.26
CA ASP A 114 -17.54 -8.96 10.12
C ASP A 114 -17.10 -9.54 11.45
N LYS A 115 -17.88 -10.47 12.00
CA LYS A 115 -17.51 -11.08 13.28
C LYS A 115 -16.82 -12.44 13.16
N ASP A 116 -16.77 -12.96 11.94
CA ASP A 116 -16.09 -14.21 11.68
C ASP A 116 -14.68 -13.78 11.27
N PRO A 117 -13.67 -14.09 12.09
CA PRO A 117 -12.26 -13.74 11.84
C PRO A 117 -11.68 -14.24 10.52
N SER A 118 -11.99 -15.48 10.13
CA SER A 118 -11.47 -16.02 8.87
C SER A 118 -12.14 -15.29 7.69
N GLN A 119 -13.19 -14.53 7.99
CA GLN A 119 -13.93 -13.76 7.00
C GLN A 119 -13.47 -12.30 7.01
N VAL A 120 -13.07 -11.80 8.17
CA VAL A 120 -12.56 -10.44 8.27
C VAL A 120 -11.34 -10.43 7.37
N PHE A 121 -10.67 -11.57 7.28
CA PHE A 121 -9.49 -11.72 6.45
C PHE A 121 -9.86 -11.60 4.98
N LYS A 122 -10.98 -12.22 4.59
CA LYS A 122 -11.40 -12.20 3.19
C LYS A 122 -11.74 -10.82 2.64
N THR A 123 -12.42 -9.99 3.45
CA THR A 123 -12.79 -8.64 3.03
C THR A 123 -11.57 -7.70 3.03
N VAL A 124 -10.65 -7.93 3.95
CA VAL A 124 -9.45 -7.12 4.04
C VAL A 124 -8.54 -7.45 2.88
N ALA A 125 -8.54 -8.70 2.44
CA ALA A 125 -7.72 -9.14 1.31
C ALA A 125 -8.19 -8.48 0.02
N ALA A 126 -9.50 -8.49 -0.19
CA ALA A 126 -10.11 -7.90 -1.39
C ALA A 126 -9.98 -6.38 -1.38
N PHE A 127 -10.20 -5.77 -0.21
CA PHE A 127 -10.07 -4.32 -0.01
C PHE A 127 -8.60 -3.93 -0.22
N SER A 128 -7.68 -4.80 0.20
CA SER A 128 -6.24 -4.59 0.07
C SER A 128 -5.81 -4.55 -1.39
N ILE A 129 -6.40 -5.39 -2.22
CA ILE A 129 -6.06 -5.37 -3.64
C ILE A 129 -6.70 -4.13 -4.31
N ALA A 130 -7.95 -3.83 -3.96
CA ALA A 130 -8.64 -2.66 -4.49
C ALA A 130 -7.80 -1.42 -4.18
N LEU A 131 -7.38 -1.30 -2.92
CA LEU A 131 -6.58 -0.14 -2.48
C LEU A 131 -5.29 0.04 -3.29
N ILE A 132 -4.45 -0.99 -3.36
CA ILE A 132 -3.22 -0.87 -4.11
C ILE A 132 -3.41 -0.77 -5.62
N TYR A 133 -3.90 -1.86 -6.20
CA TYR A 133 -4.13 -2.01 -7.64
C TYR A 133 -4.98 -0.94 -8.32
N VAL A 134 -6.23 -0.87 -7.91
CA VAL A 134 -7.16 0.10 -8.46
C VAL A 134 -6.84 1.50 -7.95
N THR A 135 -7.22 1.80 -6.71
CA THR A 135 -7.05 3.13 -6.08
C THR A 135 -5.66 3.78 -6.04
N PHE A 136 -4.66 3.09 -5.50
CA PHE A 136 -3.34 3.66 -5.40
C PHE A 136 -2.75 3.90 -6.80
N PHE A 137 -2.74 2.85 -7.62
CA PHE A 137 -2.21 2.89 -8.99
C PHE A 137 -2.87 3.88 -9.94
N LEU A 138 -4.19 3.98 -9.88
CA LEU A 138 -4.90 4.89 -10.75
C LEU A 138 -4.67 6.33 -10.40
N SER A 139 -4.64 6.65 -9.12
CA SER A 139 -4.44 8.04 -8.73
C SER A 139 -3.03 8.53 -9.02
N PHE A 140 -2.23 7.69 -9.66
CA PHE A 140 -0.89 8.08 -10.04
C PHE A 140 -0.95 9.18 -11.09
N PHE A 141 -2.13 9.42 -11.65
CA PHE A 141 -2.30 10.49 -12.64
C PHE A 141 -2.13 11.81 -11.91
N LEU A 142 -2.61 11.84 -10.65
CA LEU A 142 -2.50 13.05 -9.84
C LEU A 142 -1.08 13.61 -9.83
N PRO A 143 -0.06 12.77 -9.53
CA PRO A 143 1.30 13.32 -9.56
C PRO A 143 1.82 13.43 -10.99
N ILE A 144 1.44 12.53 -11.89
CA ILE A 144 1.91 12.61 -13.29
C ILE A 144 1.53 13.95 -13.88
N TYR A 145 0.28 14.33 -13.65
CA TYR A 145 -0.24 15.60 -14.13
C TYR A 145 0.57 16.74 -13.50
N ARG A 146 0.53 16.84 -12.17
CA ARG A 146 1.22 17.88 -11.41
C ARG A 146 2.69 18.11 -11.76
N ASP A 147 3.46 17.03 -11.76
CA ASP A 147 4.89 17.11 -12.02
C ASP A 147 5.36 16.94 -13.47
N PHE A 148 4.42 16.71 -14.40
CA PHE A 148 4.82 16.53 -15.80
C PHE A 148 3.92 17.21 -16.84
N GLY A 149 3.04 18.08 -16.37
CA GLY A 149 2.12 18.79 -17.27
C GLY A 149 0.90 18.02 -17.77
N ALA A 150 -0.29 18.64 -17.63
CA ALA A 150 -1.56 18.05 -18.05
C ALA A 150 -1.41 17.33 -19.40
N ALA A 151 -0.43 17.79 -20.18
CA ALA A 151 -0.10 17.27 -21.48
C ALA A 151 0.21 15.78 -21.48
N ASN A 152 1.35 15.44 -20.87
CA ASN A 152 1.81 14.06 -20.79
C ASN A 152 0.80 13.15 -20.10
N ALA A 153 -0.07 13.76 -19.28
CA ALA A 153 -1.11 13.01 -18.57
C ALA A 153 -1.99 12.35 -19.63
N LEU A 154 -2.56 13.17 -20.50
CA LEU A 154 -3.42 12.73 -21.61
C LEU A 154 -2.65 11.80 -22.54
N LEU A 155 -1.34 12.02 -22.58
CA LEU A 155 -0.43 11.25 -23.39
C LEU A 155 -0.39 9.82 -22.91
N VAL A 156 -0.14 9.62 -21.61
CA VAL A 156 -0.07 8.28 -21.01
C VAL A 156 -1.40 7.57 -21.21
N LEU A 157 -2.47 8.20 -20.72
CA LEU A 157 -3.83 7.65 -20.82
C LEU A 157 -4.20 7.12 -22.19
N THR A 158 -4.10 7.97 -23.20
CA THR A 158 -4.47 7.61 -24.56
C THR A 158 -3.51 6.60 -25.19
N SER A 159 -2.23 6.70 -24.86
CA SER A 159 -1.20 5.79 -25.39
C SER A 159 -1.54 4.33 -25.10
N THR A 160 -2.41 4.12 -24.13
CA THR A 160 -2.85 2.78 -23.77
C THR A 160 -3.94 2.36 -24.76
N TRP A 161 -4.82 3.33 -25.09
CA TRP A 161 -5.91 3.13 -26.05
C TRP A 161 -5.27 2.83 -27.41
N VAL A 162 -4.28 3.65 -27.75
CA VAL A 162 -3.53 3.52 -28.99
C VAL A 162 -2.80 2.17 -29.04
N PHE A 163 -2.17 1.79 -27.94
CA PHE A 163 -1.47 0.50 -27.89
C PHE A 163 -2.48 -0.61 -28.10
N ASP A 164 -3.60 -0.47 -27.40
CA ASP A 164 -4.68 -1.46 -27.42
C ASP A 164 -5.20 -1.83 -28.81
N SER A 165 -5.48 -0.81 -29.61
CA SER A 165 -5.97 -1.05 -30.96
C SER A 165 -4.89 -1.81 -31.74
N PHE A 166 -3.73 -1.16 -31.96
CA PHE A 166 -2.60 -1.75 -32.69
C PHE A 166 -2.15 -3.13 -32.24
N ALA A 167 -2.46 -3.48 -30.99
CA ALA A 167 -2.10 -4.77 -30.42
C ALA A 167 -3.10 -5.81 -30.91
N TYR A 168 -4.35 -5.39 -31.04
CA TYR A 168 -5.43 -6.25 -31.51
C TYR A 168 -5.26 -6.62 -32.99
N PHE A 169 -5.20 -5.61 -33.85
CA PHE A 169 -5.05 -5.81 -35.29
C PHE A 169 -3.82 -6.64 -35.65
N THR A 170 -2.62 -6.10 -35.39
CA THR A 170 -1.38 -6.82 -35.72
C THR A 170 -1.25 -8.13 -34.94
N GLY A 171 -2.21 -8.38 -34.06
CA GLY A 171 -2.21 -9.61 -33.29
C GLY A 171 -2.94 -10.71 -34.04
N LEU A 172 -4.14 -10.37 -34.53
CA LEU A 172 -4.99 -11.29 -35.29
C LEU A 172 -4.31 -11.88 -36.54
N LYS A 173 -3.73 -10.98 -37.35
CA LYS A 173 -3.09 -11.39 -38.60
C LYS A 173 -1.56 -11.63 -38.49
N PHE A 174 -0.98 -11.60 -37.27
CA PHE A 174 0.48 -11.78 -37.24
C PHE A 174 1.08 -12.83 -36.27
N GLY A 175 0.43 -13.93 -35.96
CA GLY A 175 1.14 -14.89 -35.15
C GLY A 175 0.50 -15.52 -33.93
N ARG A 176 1.11 -16.68 -33.53
CA ARG A 176 0.69 -17.47 -32.37
C ARG A 176 1.83 -17.79 -31.36
N THR A 177 2.44 -16.75 -30.80
CA THR A 177 3.48 -16.93 -29.77
C THR A 177 2.80 -16.51 -28.45
N ARG A 178 2.41 -17.52 -27.68
CA ARG A 178 1.70 -17.31 -26.44
C ARG A 178 2.44 -16.80 -25.22
N ILE A 179 2.23 -15.52 -24.91
CA ILE A 179 2.82 -14.93 -23.73
C ILE A 179 1.76 -14.93 -22.65
N SER A 180 0.49 -14.94 -23.09
CA SER A 180 -0.63 -14.95 -22.17
C SER A 180 -0.81 -16.32 -21.55
N PRO A 181 -1.29 -16.35 -20.29
CA PRO A 181 -1.53 -17.60 -19.57
C PRO A 181 -2.71 -18.36 -20.14
N ARG A 182 -2.85 -19.61 -19.73
CA ARG A 182 -3.89 -20.50 -20.20
C ARG A 182 -5.32 -20.10 -19.81
N TYR A 183 -5.46 -19.35 -18.71
CA TYR A 183 -6.76 -18.90 -18.21
C TYR A 183 -7.13 -17.48 -18.67
N SER A 184 -6.13 -16.77 -19.17
CA SER A 184 -6.32 -15.40 -19.62
C SER A 184 -6.60 -15.28 -21.10
N PRO A 185 -7.35 -14.24 -21.51
CA PRO A 185 -7.68 -14.00 -22.91
C PRO A 185 -6.35 -13.91 -23.65
N ARG A 186 -6.21 -14.67 -24.72
CA ARG A 186 -4.96 -14.73 -25.48
C ARG A 186 -4.29 -13.43 -25.95
N LYS A 187 -2.95 -13.41 -25.79
CA LYS A 187 -2.11 -12.26 -26.19
C LYS A 187 -0.80 -12.74 -26.82
N SER A 188 -0.31 -11.98 -27.82
CA SER A 188 0.91 -12.36 -28.53
C SER A 188 2.07 -11.37 -28.43
N LEU A 189 3.30 -11.91 -28.53
CA LEU A 189 4.50 -11.07 -28.49
C LEU A 189 4.43 -10.08 -29.64
N GLU A 190 3.91 -10.59 -30.75
CA GLU A 190 3.73 -9.86 -31.98
C GLU A 190 2.74 -8.70 -31.83
N GLY A 191 1.60 -8.96 -31.20
CA GLY A 191 0.59 -7.92 -30.99
C GLY A 191 1.14 -6.75 -30.19
N VAL A 192 2.03 -7.06 -29.24
CA VAL A 192 2.68 -6.07 -28.38
C VAL A 192 3.74 -5.25 -29.12
N ILE A 193 4.58 -5.93 -29.91
CA ILE A 193 5.62 -5.29 -30.69
C ILE A 193 4.95 -4.27 -31.62
N GLY A 194 3.70 -4.55 -31.97
CA GLY A 194 2.96 -3.65 -32.84
C GLY A 194 2.42 -2.47 -32.05
N GLY A 195 1.73 -2.77 -30.95
CA GLY A 195 1.15 -1.73 -30.10
C GLY A 195 2.25 -0.83 -29.56
N PHE A 196 3.44 -1.40 -29.47
CA PHE A 196 4.64 -0.72 -29.03
C PHE A 196 4.87 0.42 -30.02
N LEU A 197 5.00 0.03 -31.30
CA LEU A 197 5.25 0.91 -32.43
C LEU A 197 4.15 1.94 -32.61
N GLY A 198 2.90 1.52 -32.40
CA GLY A 198 1.80 2.44 -32.55
C GLY A 198 1.84 3.58 -31.54
N VAL A 199 2.49 3.30 -30.41
CA VAL A 199 2.64 4.30 -29.36
C VAL A 199 3.85 5.15 -29.74
N VAL A 200 4.91 4.47 -30.19
CA VAL A 200 6.14 5.13 -30.62
C VAL A 200 5.80 6.23 -31.64
N ILE A 201 4.88 5.90 -32.54
CA ILE A 201 4.44 6.80 -33.60
C ILE A 201 3.45 7.85 -33.09
N TYR A 202 2.53 7.42 -32.24
CA TYR A 202 1.52 8.30 -31.68
C TYR A 202 2.19 9.48 -30.99
N THR A 203 3.43 9.30 -30.61
CA THR A 203 4.16 10.36 -29.92
C THR A 203 4.80 11.40 -30.85
N PHE A 204 5.34 10.99 -32.01
CA PHE A 204 5.94 11.94 -32.97
C PHE A 204 4.84 12.96 -33.26
N LEU A 205 3.70 12.38 -33.65
CA LEU A 205 2.49 13.09 -33.99
C LEU A 205 2.06 13.95 -32.80
N TYR A 206 1.98 13.33 -31.62
CA TYR A 206 1.55 14.00 -30.40
C TYR A 206 2.48 15.16 -30.00
N ARG A 207 3.78 14.95 -30.20
CA ARG A 207 4.81 15.96 -29.89
C ARG A 207 4.57 17.24 -30.68
N LEU A 208 4.57 17.10 -32.00
CA LEU A 208 4.39 18.20 -32.94
C LEU A 208 3.13 19.01 -32.69
N VAL A 209 2.00 18.31 -32.58
CA VAL A 209 0.72 18.96 -32.35
C VAL A 209 0.70 19.75 -31.05
N VAL A 210 1.34 19.19 -30.00
CA VAL A 210 1.38 19.79 -28.67
C VAL A 210 2.45 20.86 -28.37
N ASN A 211 3.57 20.85 -29.12
CA ASN A 211 4.58 21.90 -28.93
C ASN A 211 4.08 23.15 -29.70
N ASP A 212 3.09 22.90 -30.55
CA ASP A 212 2.42 23.91 -31.40
C ASP A 212 1.32 24.69 -30.72
N LEU A 213 0.20 23.99 -30.44
CA LEU A 213 -1.01 24.57 -29.82
C LEU A 213 -0.77 25.56 -28.67
N LEU A 214 0.44 25.55 -28.14
CA LEU A 214 0.92 26.42 -27.06
C LEU A 214 2.34 25.92 -26.80
N SER A 215 3.13 26.68 -26.05
CA SER A 215 4.48 26.26 -25.71
C SER A 215 4.24 25.18 -24.65
N VAL A 216 3.94 23.95 -25.09
CA VAL A 216 3.63 22.87 -24.16
C VAL A 216 4.68 21.79 -23.98
N ASN A 217 4.82 21.42 -22.70
CA ASN A 217 5.73 20.40 -22.21
C ASN A 217 5.33 19.03 -22.77
N VAL A 218 6.31 18.27 -23.26
CA VAL A 218 6.03 16.96 -23.82
C VAL A 218 7.14 15.98 -23.61
N ILE A 219 6.83 14.70 -23.82
CA ILE A 219 7.79 13.64 -23.68
C ILE A 219 8.87 13.92 -24.70
N CYS A 220 10.08 14.18 -24.23
CA CYS A 220 11.19 14.46 -25.12
C CYS A 220 11.46 13.24 -25.99
N PHE A 221 12.46 13.31 -26.85
CA PHE A 221 12.72 12.20 -27.74
C PHE A 221 13.42 10.95 -27.24
N ARG A 222 14.12 11.00 -26.11
CA ARG A 222 14.77 9.78 -25.62
C ARG A 222 13.86 9.01 -24.66
N THR A 223 12.94 9.75 -24.05
CA THR A 223 11.97 9.18 -23.12
C THR A 223 10.84 8.51 -23.92
N PHE A 224 11.02 8.45 -25.24
CA PHE A 224 10.08 7.86 -26.21
C PHE A 224 10.06 6.35 -26.19
N LEU A 225 11.19 5.76 -26.59
CA LEU A 225 11.32 4.31 -26.63
C LEU A 225 10.85 3.60 -25.35
N PRO A 226 11.24 4.10 -24.16
CA PRO A 226 10.81 3.46 -22.91
C PRO A 226 9.31 3.61 -22.64
N PHE A 227 8.81 4.86 -22.68
CA PHE A 227 7.40 5.15 -22.46
C PHE A 227 6.50 4.23 -23.29
N ALA A 228 6.99 3.85 -24.47
CA ALA A 228 6.27 2.95 -25.33
C ALA A 228 6.38 1.60 -24.68
N ALA A 229 7.62 1.17 -24.48
CA ALA A 229 7.94 -0.11 -23.86
C ALA A 229 7.12 -0.41 -22.61
N THR A 230 6.97 0.58 -21.73
CA THR A 230 6.20 0.36 -20.51
C THR A 230 4.70 0.28 -20.80
N VAL A 231 4.18 1.13 -21.69
CA VAL A 231 2.76 1.07 -21.99
C VAL A 231 2.50 -0.29 -22.60
N ALA A 232 3.52 -0.81 -23.28
CA ALA A 232 3.43 -2.12 -23.90
C ALA A 232 3.36 -3.18 -22.84
N ILE A 233 4.50 -3.39 -22.20
CA ILE A 233 4.68 -4.38 -21.13
C ILE A 233 3.75 -4.28 -19.93
N MET A 234 3.37 -3.07 -19.56
CA MET A 234 2.47 -2.91 -18.42
C MET A 234 1.02 -3.23 -18.71
N ASP A 235 0.45 -2.68 -19.77
CA ASP A 235 -0.94 -2.98 -20.14
C ASP A 235 -1.13 -4.50 -20.26
N THR A 236 -0.12 -5.16 -20.82
CA THR A 236 -0.10 -6.61 -20.99
C THR A 236 -0.28 -7.27 -19.61
N PHE A 237 0.69 -7.05 -18.73
CA PHE A 237 0.66 -7.62 -17.39
C PHE A 237 -0.55 -7.17 -16.59
N GLY A 238 -0.90 -5.89 -16.72
CA GLY A 238 -2.04 -5.33 -16.00
C GLY A 238 -3.38 -5.90 -16.36
N ASP A 239 -3.48 -6.48 -17.54
CA ASP A 239 -4.73 -7.06 -17.97
C ASP A 239 -4.72 -8.52 -17.56
N ILE A 240 -3.58 -9.20 -17.73
CA ILE A 240 -3.46 -10.61 -17.36
C ILE A 240 -3.77 -10.77 -15.88
N PHE A 241 -3.26 -9.84 -15.07
CA PHE A 241 -3.52 -9.88 -13.64
C PHE A 241 -5.02 -9.77 -13.42
N GLU A 242 -5.70 -8.85 -14.10
CA GLU A 242 -7.14 -8.75 -13.91
C GLU A 242 -7.92 -9.97 -14.37
N SER A 243 -7.52 -10.53 -15.51
CA SER A 243 -8.21 -11.72 -16.00
C SER A 243 -8.11 -12.85 -14.98
N ALA A 244 -6.93 -12.99 -14.37
CA ALA A 244 -6.68 -14.01 -13.34
C ALA A 244 -7.58 -13.73 -12.13
N LEU A 245 -7.72 -12.44 -11.82
CA LEU A 245 -8.53 -11.95 -10.72
C LEU A 245 -9.99 -12.32 -10.94
N LYS A 246 -10.42 -12.32 -12.20
CA LYS A 246 -11.79 -12.65 -12.54
C LYS A 246 -12.07 -14.14 -12.56
N ARG A 247 -11.10 -14.95 -13.00
CA ARG A 247 -11.28 -16.41 -13.03
C ARG A 247 -11.49 -16.93 -11.61
N HIS A 248 -10.96 -16.19 -10.64
CA HIS A 248 -11.12 -16.57 -9.25
C HIS A 248 -12.55 -16.30 -8.76
N TYR A 249 -13.18 -15.25 -9.29
CA TYR A 249 -14.55 -14.91 -8.90
C TYR A 249 -15.61 -15.51 -9.83
N GLY A 250 -15.14 -16.25 -10.82
CA GLY A 250 -16.02 -16.91 -11.76
C GLY A 250 -16.60 -16.19 -12.96
N VAL A 251 -16.28 -14.92 -13.18
CA VAL A 251 -16.83 -14.21 -14.33
C VAL A 251 -15.83 -13.86 -15.43
N LYS A 252 -16.34 -13.41 -16.57
CA LYS A 252 -15.49 -13.00 -17.69
C LYS A 252 -15.60 -11.49 -17.88
N ASP A 253 -16.36 -10.86 -16.98
CA ASP A 253 -16.57 -9.41 -16.94
C ASP A 253 -16.45 -8.95 -15.47
N SER A 254 -15.73 -7.85 -15.24
CA SER A 254 -15.54 -7.33 -13.88
C SER A 254 -16.83 -6.88 -13.20
N GLY A 255 -17.81 -6.48 -14.00
CA GLY A 255 -19.08 -6.03 -13.46
C GLY A 255 -19.67 -5.06 -14.44
N LYS A 256 -20.95 -4.75 -14.30
CA LYS A 256 -21.59 -3.81 -15.21
C LYS A 256 -22.03 -2.56 -14.48
N THR A 257 -21.27 -1.48 -14.65
CA THR A 257 -21.59 -0.20 -14.02
C THR A 257 -22.05 0.75 -15.11
N LEU A 258 -21.17 0.97 -16.09
CA LEU A 258 -21.49 1.84 -17.22
C LEU A 258 -22.23 1.00 -18.25
N PRO A 259 -23.31 1.54 -18.86
CA PRO A 259 -24.08 0.80 -19.87
C PRO A 259 -23.21 0.39 -21.08
N GLY A 260 -22.02 0.99 -21.19
CA GLY A 260 -21.11 0.68 -22.26
C GLY A 260 -20.72 -0.79 -22.31
N HIS A 261 -19.80 -1.10 -23.20
CA HIS A 261 -19.34 -2.49 -23.38
C HIS A 261 -18.21 -2.93 -22.42
N GLY A 262 -18.51 -3.98 -21.65
CA GLY A 262 -17.57 -4.51 -20.67
C GLY A 262 -17.82 -3.89 -19.30
N GLY A 263 -16.78 -3.92 -18.46
CA GLY A 263 -16.89 -3.34 -17.12
C GLY A 263 -15.95 -2.16 -16.96
N MET A 264 -16.15 -1.35 -15.93
CA MET A 264 -15.30 -0.19 -15.71
C MET A 264 -13.87 -0.62 -15.38
N LEU A 265 -13.74 -1.67 -14.59
CA LEU A 265 -12.43 -2.19 -14.22
C LEU A 265 -11.76 -2.76 -15.46
N ASP A 266 -12.56 -3.30 -16.38
CA ASP A 266 -12.04 -3.88 -17.61
C ASP A 266 -11.41 -2.85 -18.57
N ARG A 267 -11.99 -1.64 -18.63
CA ARG A 267 -11.51 -0.55 -19.50
C ARG A 267 -10.25 0.15 -18.96
N ILE A 268 -9.93 -0.19 -17.71
CA ILE A 268 -8.81 0.35 -16.96
C ILE A 268 -7.62 -0.60 -16.72
N ASP A 269 -7.90 -1.86 -16.41
CA ASP A 269 -6.88 -2.89 -16.06
C ASP A 269 -5.39 -2.69 -16.51
N GLY A 270 -5.10 -2.40 -17.79
CA GLY A 270 -3.71 -2.28 -18.20
C GLY A 270 -3.12 -0.94 -17.78
N LEU A 271 -4.00 0.06 -17.71
CA LEU A 271 -3.71 1.44 -17.34
C LEU A 271 -3.21 1.50 -15.91
N LEU A 272 -3.73 0.62 -15.07
CA LEU A 272 -3.30 0.59 -13.68
C LEU A 272 -1.81 0.33 -13.63
N PHE A 273 -1.35 -0.79 -14.15
CA PHE A 273 0.09 -1.06 -14.13
C PHE A 273 0.92 -0.01 -14.87
N VAL A 274 0.31 0.66 -15.84
CA VAL A 274 1.04 1.65 -16.62
C VAL A 274 1.41 2.89 -15.82
N ALA A 275 0.40 3.67 -15.41
CA ALA A 275 0.59 4.92 -14.66
C ALA A 275 1.80 4.91 -13.72
N PRO A 276 1.84 3.97 -12.75
CA PRO A 276 2.95 3.88 -11.81
C PRO A 276 4.27 3.77 -12.56
N VAL A 277 4.42 2.73 -13.37
CA VAL A 277 5.65 2.53 -14.11
C VAL A 277 5.99 3.70 -15.03
N CYS A 278 4.97 4.41 -15.50
CA CYS A 278 5.20 5.57 -16.37
C CYS A 278 5.81 6.71 -15.58
N TYR A 279 5.19 7.03 -14.44
CA TYR A 279 5.65 8.10 -13.55
C TYR A 279 7.13 7.91 -13.16
N ILE A 280 7.50 6.66 -12.91
CA ILE A 280 8.86 6.28 -12.56
C ILE A 280 9.76 6.61 -13.73
N VAL A 281 9.37 6.11 -14.89
CA VAL A 281 10.10 6.31 -16.14
C VAL A 281 10.28 7.78 -16.49
N PHE A 282 9.26 8.58 -16.23
CA PHE A 282 9.33 10.01 -16.49
C PHE A 282 10.35 10.70 -15.58
N LYS A 283 10.29 10.43 -14.27
CA LYS A 283 11.21 11.02 -13.30
C LYS A 283 12.66 10.65 -13.63
N ILE A 284 12.88 9.38 -13.99
CA ILE A 284 14.22 8.91 -14.33
C ILE A 284 14.72 9.64 -15.56
N LEU A 285 13.84 9.85 -16.52
CA LEU A 285 14.22 10.48 -17.77
C LEU A 285 13.77 11.92 -18.10
N GLU A 286 13.06 12.62 -17.21
CA GLU A 286 12.64 13.98 -17.54
C GLU A 286 12.59 15.09 -16.50
N GLY A 287 13.09 14.83 -15.29
CA GLY A 287 13.08 15.86 -14.26
C GLY A 287 11.71 16.35 -13.76
N VAL A 288 11.62 17.63 -13.36
CA VAL A 288 10.39 18.22 -12.80
C VAL A 288 9.90 19.64 -13.20
N VAL A 289 8.70 19.98 -12.68
CA VAL A 289 8.04 21.32 -12.82
C VAL A 289 7.67 22.03 -11.48
N ARG A 290 7.71 23.40 -11.52
CA ARG A 290 7.40 24.35 -10.44
C ARG A 290 6.39 23.76 -9.46
N ASP B 22 19.88 -25.74 27.47
CA ASP B 22 19.17 -25.78 28.78
C ASP B 22 19.59 -24.67 29.74
N ASP B 23 20.70 -24.02 29.45
CA ASP B 23 21.22 -22.95 30.31
C ASP B 23 20.31 -21.72 30.43
N LEU B 24 20.44 -21.04 31.57
CA LEU B 24 19.65 -19.86 31.88
C LEU B 24 20.20 -18.61 31.16
N LYS B 25 21.27 -18.80 30.37
CA LYS B 25 21.91 -17.73 29.61
C LYS B 25 21.43 -17.62 28.14
N THR B 26 20.54 -18.53 27.72
CA THR B 26 19.97 -18.52 26.35
C THR B 26 18.70 -17.66 26.29
N ARG B 27 17.93 -17.69 27.38
CA ARG B 27 16.66 -16.95 27.51
C ARG B 27 16.85 -15.54 28.06
N VAL B 28 17.95 -15.35 28.78
CA VAL B 28 18.27 -14.05 29.38
C VAL B 28 19.12 -13.14 28.47
N ILE B 29 20.11 -13.71 27.78
CA ILE B 29 20.97 -12.94 26.88
C ILE B 29 20.16 -12.22 25.79
N THR B 30 19.14 -12.91 25.26
CA THR B 30 18.26 -12.35 24.23
C THR B 30 17.32 -11.29 24.84
N ALA B 31 16.99 -11.43 26.12
CA ALA B 31 16.11 -10.49 26.80
C ALA B 31 16.86 -9.21 27.17
N SER B 32 18.19 -9.33 27.25
CA SER B 32 19.07 -8.22 27.60
C SER B 32 19.48 -7.37 26.43
N VAL B 33 19.64 -8.00 25.27
CA VAL B 33 20.04 -7.30 24.05
C VAL B 33 18.88 -6.74 23.20
N VAL B 34 17.75 -7.44 23.18
CA VAL B 34 16.57 -7.00 22.41
C VAL B 34 16.28 -5.51 22.62
N ALA B 35 16.18 -5.09 23.88
CA ALA B 35 15.90 -3.69 24.18
C ALA B 35 16.98 -2.73 23.68
N PRO B 36 18.25 -2.88 24.14
CA PRO B 36 19.31 -1.97 23.68
C PRO B 36 19.81 -2.16 22.26
N PHE B 37 19.72 -3.36 21.70
CA PHE B 37 20.15 -3.57 20.32
C PHE B 37 19.31 -2.64 19.45
N VAL B 38 18.00 -2.75 19.64
CA VAL B 38 17.04 -1.91 18.93
C VAL B 38 17.40 -0.44 19.08
N VAL B 39 17.40 0.04 20.32
CA VAL B 39 17.71 1.42 20.61
C VAL B 39 19.01 1.92 19.99
N LEU B 40 20.09 1.14 20.13
CA LEU B 40 21.41 1.51 19.59
C LEU B 40 21.37 1.68 18.08
N CYS B 41 20.27 1.28 17.47
CA CYS B 41 20.10 1.38 16.05
C CYS B 41 19.56 2.73 15.63
N PHE B 42 18.75 3.35 16.50
CA PHE B 42 18.19 4.67 16.17
C PHE B 42 19.21 5.78 16.02
N VAL B 43 20.49 5.42 16.07
CA VAL B 43 21.58 6.37 15.93
C VAL B 43 21.72 6.94 14.52
N SER B 44 21.79 6.07 13.52
CA SER B 44 21.90 6.52 12.12
C SER B 44 20.57 6.36 11.43
N TYR B 45 20.39 7.10 10.34
CA TYR B 45 19.17 6.99 9.55
C TYR B 45 19.33 5.65 8.86
N GLU B 46 20.57 5.39 8.48
CA GLU B 46 20.97 4.18 7.78
C GLU B 46 21.00 2.96 8.67
N SER B 47 21.12 3.22 9.97
CA SER B 47 21.11 2.14 10.93
C SER B 47 19.65 1.77 11.11
N LEU B 48 18.81 2.78 11.22
CA LEU B 48 17.38 2.60 11.39
C LEU B 48 16.87 1.73 10.26
N ILE B 49 17.25 2.11 9.04
CA ILE B 49 16.88 1.37 7.84
C ILE B 49 17.21 -0.12 8.00
N GLY B 50 18.46 -0.41 8.37
CA GLY B 50 18.93 -1.79 8.57
C GLY B 50 18.17 -2.62 9.61
N LEU B 51 17.66 -1.95 10.64
CA LEU B 51 16.87 -2.62 11.67
C LEU B 51 15.54 -2.95 11.01
N VAL B 52 14.87 -1.92 10.48
CA VAL B 52 13.58 -2.09 9.81
C VAL B 52 13.64 -3.17 8.75
N SER B 53 14.71 -3.17 7.96
CA SER B 53 14.90 -4.20 6.95
C SER B 53 14.88 -5.59 7.58
N ALA B 54 15.74 -5.76 8.58
CA ALA B 54 15.87 -7.02 9.33
C ALA B 54 14.50 -7.47 9.84
N ILE B 55 13.86 -6.62 10.64
CA ILE B 55 12.55 -6.90 11.21
C ILE B 55 11.49 -7.30 10.17
N LEU B 56 11.58 -6.73 8.97
CA LEU B 56 10.63 -7.04 7.91
C LEU B 56 10.86 -8.42 7.31
N ILE B 57 12.12 -8.85 7.15
CA ILE B 57 12.39 -10.18 6.60
C ILE B 57 11.78 -11.20 7.57
N LEU B 58 11.96 -10.93 8.86
CA LEU B 58 11.43 -11.79 9.91
C LEU B 58 9.89 -11.76 9.88
N ALA B 59 9.30 -10.65 10.33
CA ALA B 59 7.85 -10.48 10.37
C ALA B 59 7.17 -10.84 9.05
N GLY B 60 7.81 -10.49 7.95
CA GLY B 60 7.29 -10.78 6.63
C GLY B 60 7.29 -12.27 6.40
N TYR B 61 8.44 -12.92 6.67
CA TYR B 61 8.57 -14.36 6.50
C TYR B 61 7.39 -15.05 7.18
N GLU B 62 7.12 -14.63 8.40
CA GLU B 62 6.03 -15.18 9.19
C GLU B 62 4.64 -15.07 8.56
N LEU B 63 4.19 -13.84 8.26
CA LEU B 63 2.87 -13.61 7.68
C LEU B 63 2.64 -14.28 6.34
N ILE B 64 3.70 -14.40 5.56
CA ILE B 64 3.62 -15.03 4.25
C ILE B 64 3.57 -16.54 4.41
N THR B 65 4.35 -17.06 5.36
CA THR B 65 4.42 -18.49 5.63
C THR B 65 3.09 -19.11 6.06
N LEU B 66 2.17 -18.30 6.55
CA LEU B 66 0.87 -18.81 6.95
C LEU B 66 0.04 -19.13 5.71
N GLU B 67 0.35 -18.46 4.60
CA GLU B 67 -0.33 -18.66 3.32
C GLU B 67 0.45 -19.55 2.37
N MET B 68 1.72 -19.78 2.68
CA MET B 68 2.55 -20.62 1.85
C MET B 68 3.47 -21.50 2.70
N LYS B 69 3.43 -22.79 2.42
CA LYS B 69 4.30 -23.76 3.08
C LYS B 69 5.17 -24.29 1.91
N GLU B 70 4.96 -23.59 0.79
CA GLU B 70 5.57 -23.80 -0.51
C GLU B 70 7.01 -23.25 -0.55
N ARG B 71 7.90 -24.05 -1.16
CA ARG B 71 9.32 -23.74 -1.29
C ARG B 71 9.74 -22.32 -1.67
N ASP B 72 9.72 -22.00 -2.97
CA ASP B 72 10.14 -20.67 -3.45
C ASP B 72 9.19 -19.54 -3.09
N ALA B 73 7.90 -19.74 -3.37
CA ALA B 73 6.85 -18.76 -3.11
C ALA B 73 7.20 -17.82 -1.97
N ARG B 74 7.16 -18.35 -0.74
CA ARG B 74 7.48 -17.57 0.44
C ARG B 74 8.62 -16.57 0.24
N PHE B 75 9.82 -17.11 0.01
CA PHE B 75 11.05 -16.35 -0.14
C PHE B 75 11.12 -15.18 -1.07
N PHE B 76 10.57 -15.32 -2.27
CA PHE B 76 10.58 -14.21 -3.21
C PHE B 76 9.86 -13.00 -2.60
N TYR B 77 8.58 -13.17 -2.28
CA TYR B 77 7.74 -12.12 -1.69
C TYR B 77 8.33 -11.59 -0.39
N VAL B 78 9.07 -12.46 0.29
CA VAL B 78 9.71 -12.06 1.54
C VAL B 78 10.73 -10.98 1.20
N ILE B 79 11.64 -11.30 0.28
CA ILE B 79 12.66 -10.35 -0.16
C ILE B 79 12.05 -9.02 -0.59
N LEU B 80 10.93 -9.07 -1.32
CA LEU B 80 10.25 -7.87 -1.76
C LEU B 80 9.92 -7.08 -0.51
N LEU B 81 9.15 -7.67 0.42
CA LEU B 81 8.77 -6.99 1.66
C LEU B 81 9.94 -6.37 2.44
N ALA B 82 11.14 -6.92 2.28
CA ALA B 82 12.33 -6.44 2.99
C ALA B 82 13.05 -5.29 2.28
N LEU B 83 12.89 -5.25 0.96
CA LEU B 83 13.52 -4.23 0.12
C LEU B 83 13.00 -2.82 0.26
N TYR B 84 11.70 -2.68 0.48
CA TYR B 84 11.07 -1.36 0.58
C TYR B 84 11.80 -0.27 1.39
N PRO B 85 12.25 -0.59 2.62
CA PRO B 85 12.94 0.42 3.43
C PRO B 85 14.16 1.02 2.74
N VAL B 86 14.98 0.17 2.15
CA VAL B 86 16.15 0.64 1.43
C VAL B 86 15.75 1.46 0.19
N LEU B 87 14.96 0.86 -0.70
CA LEU B 87 14.51 1.50 -1.92
C LEU B 87 13.84 2.83 -1.64
N TYR B 88 13.01 2.86 -0.60
CA TYR B 88 12.29 4.06 -0.19
C TYR B 88 13.23 5.09 0.37
N GLY B 89 14.12 4.68 1.27
CA GLY B 89 15.03 5.63 1.89
C GLY B 89 16.25 6.09 1.12
N LEU B 90 16.95 5.13 0.52
CA LEU B 90 18.18 5.41 -0.22
C LEU B 90 18.07 5.57 -1.73
N VAL B 91 17.52 4.56 -2.40
CA VAL B 91 17.38 4.61 -3.85
C VAL B 91 16.47 5.79 -4.30
N PHE B 92 15.16 5.67 -4.11
CA PHE B 92 14.22 6.76 -4.45
C PHE B 92 14.12 7.57 -3.16
N GLU B 93 14.16 8.88 -3.22
CA GLU B 93 14.00 9.61 -1.97
C GLU B 93 12.49 9.77 -1.83
N GLU B 94 11.76 8.78 -2.33
CA GLU B 94 10.31 8.81 -2.34
C GLU B 94 9.73 7.43 -1.97
N PRO B 95 8.53 7.41 -1.34
CA PRO B 95 7.82 6.20 -0.90
C PRO B 95 6.99 5.47 -1.94
N THR B 96 6.01 6.17 -2.51
CA THR B 96 5.10 5.57 -3.49
C THR B 96 5.75 4.85 -4.67
N GLN B 97 6.81 5.41 -5.23
CA GLN B 97 7.43 4.75 -6.38
C GLN B 97 7.83 3.31 -6.16
N PRO B 98 8.65 3.02 -5.13
CA PRO B 98 9.02 1.61 -4.94
C PRO B 98 7.87 0.76 -4.40
N LEU B 99 6.89 1.36 -3.76
CA LEU B 99 5.73 0.59 -3.25
C LEU B 99 5.02 -0.05 -4.43
N SER B 100 4.71 0.77 -5.44
CA SER B 100 4.03 0.30 -6.64
C SER B 100 4.81 -0.80 -7.37
N ILE B 101 6.11 -0.65 -7.52
CA ILE B 101 6.87 -1.67 -8.22
C ILE B 101 7.15 -2.95 -7.43
N LEU B 102 7.13 -2.86 -6.10
CA LEU B 102 7.33 -4.07 -5.30
C LEU B 102 6.09 -4.93 -5.48
N PHE B 103 4.92 -4.26 -5.54
CA PHE B 103 3.62 -4.91 -5.75
C PHE B 103 3.56 -5.50 -7.15
N ILE B 104 3.88 -4.67 -8.13
CA ILE B 104 3.90 -5.10 -9.50
C ILE B 104 4.87 -6.27 -9.68
N THR B 105 6.08 -6.20 -9.11
CA THR B 105 7.04 -7.31 -9.27
C THR B 105 6.51 -8.58 -8.65
N GLY B 106 5.75 -8.41 -7.57
CA GLY B 106 5.16 -9.53 -6.84
C GLY B 106 4.08 -10.23 -7.63
N VAL B 107 3.15 -9.45 -8.17
CA VAL B 107 2.06 -10.00 -8.95
C VAL B 107 2.59 -10.68 -10.21
N VAL B 108 3.57 -10.05 -10.85
CA VAL B 108 4.19 -10.62 -12.05
C VAL B 108 4.67 -12.01 -11.71
N PHE B 109 5.44 -12.09 -10.63
CA PHE B 109 5.99 -13.35 -10.17
C PHE B 109 4.90 -14.40 -9.97
N SER B 110 3.87 -14.07 -9.19
CA SER B 110 2.78 -15.01 -8.92
C SER B 110 2.02 -15.44 -10.19
N LEU B 111 2.04 -14.60 -11.22
CA LEU B 111 1.38 -14.96 -12.47
C LEU B 111 2.23 -16.03 -13.13
N ILE B 112 3.55 -15.81 -13.11
CA ILE B 112 4.52 -16.75 -13.69
C ILE B 112 4.45 -18.08 -12.94
N THR B 113 4.68 -18.03 -11.63
CA THR B 113 4.68 -19.24 -10.80
C THR B 113 3.32 -19.92 -10.60
N ASP B 114 2.39 -19.28 -9.89
CA ASP B 114 1.07 -19.88 -9.67
C ASP B 114 0.27 -19.92 -10.98
N LYS B 115 -0.10 -21.12 -11.42
CA LYS B 115 -0.86 -21.25 -12.66
C LYS B 115 -2.36 -21.41 -12.47
N ASP B 116 -2.77 -21.57 -11.22
CA ASP B 116 -4.18 -21.68 -10.89
C ASP B 116 -4.59 -20.23 -10.57
N PRO B 117 -5.44 -19.61 -11.42
CA PRO B 117 -5.91 -18.23 -11.24
C PRO B 117 -6.59 -17.93 -9.91
N SER B 118 -7.42 -18.85 -9.42
CA SER B 118 -8.09 -18.64 -8.13
C SER B 118 -7.09 -18.71 -6.97
N GLN B 119 -5.88 -19.18 -7.28
CA GLN B 119 -4.81 -19.30 -6.31
C GLN B 119 -3.84 -18.11 -6.43
N VAL B 120 -3.70 -17.59 -7.65
CA VAL B 120 -2.85 -16.42 -7.89
C VAL B 120 -3.47 -15.32 -7.03
N PHE B 121 -4.79 -15.39 -6.88
CA PHE B 121 -5.52 -14.43 -6.07
C PHE B 121 -5.17 -14.60 -4.59
N LYS B 122 -5.05 -15.83 -4.13
CA LYS B 122 -4.72 -16.08 -2.72
C LYS B 122 -3.36 -15.57 -2.28
N THR B 123 -2.34 -15.75 -3.12
CA THR B 123 -0.98 -15.28 -2.80
C THR B 123 -0.87 -13.76 -2.92
N VAL B 124 -1.63 -13.16 -3.85
CA VAL B 124 -1.62 -11.72 -4.04
C VAL B 124 -2.33 -11.05 -2.88
N ALA B 125 -3.36 -11.72 -2.35
CA ALA B 125 -4.13 -11.19 -1.22
C ALA B 125 -3.26 -11.13 0.04
N ALA B 126 -2.54 -12.22 0.30
CA ALA B 126 -1.66 -12.33 1.45
C ALA B 126 -0.47 -11.39 1.33
N PHE B 127 0.10 -11.33 0.13
CA PHE B 127 1.21 -10.43 -0.17
C PHE B 127 0.74 -8.98 -0.01
N SER B 128 -0.50 -8.74 -0.42
CA SER B 128 -1.11 -7.43 -0.36
C SER B 128 -1.25 -6.92 1.07
N ILE B 129 -1.57 -7.83 1.98
CA ILE B 129 -1.71 -7.43 3.37
C ILE B 129 -0.31 -7.22 3.96
N ALA B 130 0.63 -8.11 3.61
CA ALA B 130 2.01 -8.00 4.06
C ALA B 130 2.56 -6.64 3.66
N LEU B 131 2.40 -6.32 2.38
CA LEU B 131 2.89 -5.05 1.85
C LEU B 131 2.37 -3.83 2.61
N ILE B 132 1.05 -3.69 2.73
CA ILE B 132 0.48 -2.54 3.43
C ILE B 132 0.72 -2.54 4.91
N TYR B 133 0.11 -3.50 5.59
CA TYR B 133 0.17 -3.67 7.07
C TYR B 133 1.57 -3.76 7.69
N VAL B 134 2.31 -4.79 7.30
CA VAL B 134 3.64 -5.00 7.80
C VAL B 134 4.62 -4.00 7.20
N THR B 135 5.03 -4.24 5.94
CA THR B 135 6.02 -3.40 5.22
C THR B 135 5.82 -1.90 5.09
N PHE B 136 4.67 -1.48 4.58
CA PHE B 136 4.42 -0.06 4.39
C PHE B 136 4.33 0.66 5.74
N PHE B 137 3.51 0.11 6.63
CA PHE B 137 3.27 0.66 7.96
C PHE B 137 4.50 0.75 8.87
N LEU B 138 5.31 -0.29 8.85
CA LEU B 138 6.48 -0.31 9.69
C LEU B 138 7.55 0.65 9.20
N SER B 139 7.73 0.76 7.89
CA SER B 139 8.77 1.64 7.42
C SER B 139 8.43 3.11 7.61
N PHE B 140 7.32 3.35 8.28
CA PHE B 140 6.93 4.72 8.58
C PHE B 140 7.94 5.35 9.55
N PHE B 141 8.79 4.52 10.15
CA PHE B 141 9.81 5.03 11.06
C PHE B 141 10.77 5.85 10.23
N LEU B 142 11.01 5.40 8.98
CA LEU B 142 11.92 6.09 8.08
C LEU B 142 11.59 7.58 7.98
N PRO B 143 10.33 7.93 7.70
CA PRO B 143 10.04 9.36 7.64
C PRO B 143 9.90 9.98 9.04
N ILE B 144 9.42 9.20 10.02
CA ILE B 144 9.28 9.74 11.38
C ILE B 144 10.64 10.20 11.89
N TYR B 145 11.64 9.36 11.68
CA TYR B 145 12.99 9.66 12.10
C TYR B 145 13.46 10.92 11.37
N ARG B 146 13.50 10.85 10.03
CA ARG B 146 13.96 11.94 9.17
C ARG B 146 13.35 13.30 9.46
N ASP B 147 12.02 13.36 9.50
CA ASP B 147 11.31 14.60 9.71
C ASP B 147 10.99 14.99 11.15
N PHE B 148 11.32 14.14 12.12
CA PHE B 148 11.03 14.47 13.52
C PHE B 148 12.15 14.17 14.54
N GLY B 149 13.35 13.86 14.03
CA GLY B 149 14.49 13.59 14.90
C GLY B 149 14.55 12.19 15.50
N ALA B 150 15.69 11.53 15.35
CA ALA B 150 15.92 10.17 15.87
C ALA B 150 15.31 9.99 17.26
N ALA B 151 15.15 11.11 17.96
CA ALA B 151 14.60 11.20 19.29
C ALA B 151 13.19 10.65 19.37
N ASN B 152 12.26 11.37 18.74
CA ASN B 152 10.85 10.99 18.71
C ASN B 152 10.63 9.61 18.13
N ALA B 153 11.59 9.14 17.33
CA ALA B 153 11.50 7.82 16.72
C ALA B 153 11.46 6.80 17.85
N LEU B 154 12.51 6.86 18.69
CA LEU B 154 12.66 5.98 19.85
C LEU B 154 11.49 6.17 20.80
N LEU B 155 10.99 7.39 20.82
CA LEU B 155 9.86 7.75 21.66
C LEU B 155 8.62 6.96 21.27
N VAL B 156 8.27 6.98 19.98
CA VAL B 156 7.10 6.27 19.47
C VAL B 156 7.28 4.79 19.78
N LEU B 157 8.35 4.19 19.26
CA LEU B 157 8.64 2.77 19.47
C LEU B 157 8.50 2.25 20.90
N THR B 158 9.19 2.86 21.84
CA THR B 158 9.13 2.43 23.25
C THR B 158 7.77 2.73 23.90
N SER B 159 7.14 3.85 23.53
CA SER B 159 5.84 4.24 24.07
C SER B 159 4.78 3.17 23.89
N THR B 160 5.04 2.22 23.00
CA THR B 160 4.14 1.10 22.75
C THR B 160 4.49 0.03 23.79
N TRP B 161 5.78 -0.13 24.07
CA TRP B 161 6.26 -1.08 25.07
C TRP B 161 5.71 -0.64 26.43
N VAL B 162 5.80 0.67 26.68
CA VAL B 162 5.34 1.32 27.89
C VAL B 162 3.83 1.20 28.03
N PHE B 163 3.10 1.47 26.95
CA PHE B 163 1.65 1.34 26.99
C PHE B 163 1.30 -0.11 27.29
N ASP B 164 1.99 -1.04 26.61
CA ASP B 164 1.76 -2.48 26.74
C ASP B 164 1.81 -3.03 28.16
N SER B 165 2.83 -2.64 28.91
CA SER B 165 2.96 -3.08 30.29
C SER B 165 1.77 -2.53 31.09
N PHE B 166 1.69 -1.20 31.22
CA PHE B 166 0.60 -0.53 31.96
C PHE B 166 -0.81 -0.94 31.58
N ALA B 167 -0.98 -1.47 30.38
CA ALA B 167 -2.28 -1.92 29.90
C ALA B 167 -2.57 -3.30 30.50
N TYR B 168 -1.51 -4.10 30.64
CA TYR B 168 -1.61 -5.45 31.19
C TYR B 168 -1.96 -5.40 32.68
N PHE B 169 -1.12 -4.71 33.45
CA PHE B 169 -1.31 -4.60 34.89
C PHE B 169 -2.64 -3.99 35.28
N THR B 170 -2.88 -2.72 34.95
CA THR B 170 -4.14 -2.06 35.30
C THR B 170 -5.34 -2.72 34.64
N GLY B 171 -5.07 -3.75 33.83
CA GLY B 171 -6.13 -4.48 33.16
C GLY B 171 -6.60 -5.66 34.01
N LEU B 172 -5.63 -6.43 34.52
CA LEU B 172 -5.90 -7.60 35.36
C LEU B 172 -6.70 -7.25 36.61
N LYS B 173 -6.26 -6.20 37.29
CA LYS B 173 -6.91 -5.74 38.52
C LYS B 173 -7.94 -4.61 38.41
N PHE B 174 -8.21 -4.11 37.18
CA PHE B 174 -9.18 -2.99 37.13
C PHE B 174 -10.40 -3.14 36.21
N GLY B 175 -10.75 -4.37 35.83
CA GLY B 175 -11.94 -4.52 35.02
C GLY B 175 -12.10 -5.68 34.05
N ARG B 176 -13.37 -5.95 33.74
CA ARG B 176 -13.77 -7.02 32.81
C ARG B 176 -14.74 -6.56 31.71
N THR B 177 -14.68 -5.29 31.29
CA THR B 177 -15.53 -4.79 30.19
C THR B 177 -14.86 -5.09 28.85
N ARG B 178 -15.36 -6.12 28.20
CA ARG B 178 -14.87 -6.63 26.92
C ARG B 178 -14.96 -5.76 25.68
N ILE B 179 -13.80 -5.32 25.20
CA ILE B 179 -13.68 -4.52 23.98
C ILE B 179 -13.14 -5.48 22.94
N SER B 180 -12.31 -6.43 23.38
CA SER B 180 -11.71 -7.41 22.49
C SER B 180 -12.73 -8.45 22.02
N PRO B 181 -12.57 -8.95 20.78
CA PRO B 181 -13.44 -9.96 20.20
C PRO B 181 -13.19 -11.32 20.81
N ARG B 182 -14.15 -12.22 20.62
CA ARG B 182 -14.09 -13.57 21.17
C ARG B 182 -12.89 -14.42 20.75
N TYR B 183 -12.31 -14.12 19.59
CA TYR B 183 -11.14 -14.84 19.06
C TYR B 183 -9.84 -14.14 19.46
N SER B 184 -10.00 -12.89 19.87
CA SER B 184 -8.89 -12.04 20.25
C SER B 184 -8.48 -12.09 21.72
N PRO B 185 -7.16 -12.01 21.98
CA PRO B 185 -6.64 -12.02 23.34
C PRO B 185 -7.30 -10.88 24.13
N ARG B 186 -7.70 -11.17 25.36
CA ARG B 186 -8.38 -10.21 26.23
C ARG B 186 -7.92 -8.75 26.24
N LYS B 187 -8.89 -7.83 26.18
CA LYS B 187 -8.63 -6.39 26.24
C LYS B 187 -9.85 -5.67 26.80
N SER B 188 -9.62 -4.58 27.53
CA SER B 188 -10.69 -3.81 28.17
C SER B 188 -10.54 -2.31 27.95
N LEU B 189 -11.66 -1.58 28.01
CA LEU B 189 -11.64 -0.12 27.85
C LEU B 189 -10.76 0.46 28.94
N GLU B 190 -10.87 -0.18 30.09
CA GLU B 190 -10.13 0.16 31.31
C GLU B 190 -8.61 -0.03 31.10
N GLY B 191 -8.21 -1.18 30.56
CA GLY B 191 -6.81 -1.45 30.32
C GLY B 191 -6.17 -0.40 29.43
N VAL B 192 -6.94 0.10 28.47
CA VAL B 192 -6.51 1.12 27.53
C VAL B 192 -6.41 2.51 28.18
N ILE B 193 -7.43 2.87 28.96
CA ILE B 193 -7.45 4.16 29.64
C ILE B 193 -6.20 4.25 30.52
N GLY B 194 -5.73 3.09 30.97
CA GLY B 194 -4.54 3.01 31.80
C GLY B 194 -3.27 3.17 30.98
N GLY B 195 -3.13 2.33 29.95
CA GLY B 195 -1.98 2.38 29.07
C GLY B 195 -1.86 3.76 28.41
N PHE B 196 -3.01 4.42 28.27
CA PHE B 196 -3.13 5.76 27.73
C PHE B 196 -2.30 6.66 28.66
N LEU B 197 -2.69 6.66 29.93
CA LEU B 197 -2.06 7.44 30.99
C LEU B 197 -0.58 7.12 31.18
N GLY B 198 -0.24 5.83 31.12
CA GLY B 198 1.15 5.39 31.26
C GLY B 198 2.04 5.98 30.18
N VAL B 199 1.44 6.30 29.04
CA VAL B 199 2.17 6.90 27.93
C VAL B 199 2.20 8.41 28.20
N VAL B 200 1.06 8.94 28.66
CA VAL B 200 0.93 10.36 28.97
C VAL B 200 2.03 10.78 29.95
N ILE B 201 2.30 9.90 30.90
CA ILE B 201 3.31 10.12 31.91
C ILE B 201 4.72 9.84 31.39
N TYR B 202 4.87 8.76 30.62
CA TYR B 202 6.15 8.38 30.04
C TYR B 202 6.76 9.54 29.25
N THR B 203 5.91 10.44 28.81
CA THR B 203 6.35 11.60 28.04
C THR B 203 6.89 12.79 28.87
N PHE B 204 6.29 13.06 30.04
CA PHE B 204 6.76 14.15 30.91
C PHE B 204 8.20 13.82 31.20
N LEU B 205 8.36 12.58 31.66
CA LEU B 205 9.64 11.99 32.00
C LEU B 205 10.57 12.03 30.80
N TYR B 206 10.10 11.51 29.67
CA TYR B 206 10.88 11.46 28.43
C TYR B 206 11.28 12.86 27.92
N ARG B 207 10.39 13.84 28.07
CA ARG B 207 10.65 15.22 27.65
C ARG B 207 11.87 15.79 28.38
N LEU B 208 11.78 15.80 29.72
CA LEU B 208 12.82 16.33 30.59
C LEU B 208 14.19 15.71 30.35
N VAL B 209 14.24 14.39 30.37
CA VAL B 209 15.49 13.66 30.15
C VAL B 209 16.11 13.99 28.79
N VAL B 210 15.27 14.12 27.76
CA VAL B 210 15.73 14.38 26.40
C VAL B 210 16.01 15.85 26.00
N ASN B 211 15.39 16.83 26.68
CA ASN B 211 15.69 18.24 26.38
C ASN B 211 17.02 18.59 27.10
N ASP B 212 17.41 17.68 28.02
CA ASP B 212 18.62 17.76 28.84
C ASP B 212 19.87 17.21 28.18
N LEU B 213 19.90 15.88 27.99
CA LEU B 213 21.03 15.15 27.41
C LEU B 213 21.70 15.80 26.18
N LEU B 214 20.99 16.75 25.58
CA LEU B 214 21.44 17.55 24.42
C LEU B 214 20.23 18.44 24.12
N SER B 215 20.41 19.47 23.30
CA SER B 215 19.30 20.33 22.92
C SER B 215 18.53 19.44 21.94
N VAL B 216 17.69 18.54 22.46
CA VAL B 216 16.95 17.62 21.62
C VAL B 216 15.46 17.88 21.43
N ASN B 217 15.05 17.70 20.18
CA ASN B 217 13.69 17.85 19.68
C ASN B 217 12.79 16.81 20.34
N VAL B 218 11.63 17.24 20.82
CA VAL B 218 10.70 16.32 21.46
C VAL B 218 9.26 16.69 21.24
N ILE B 219 8.38 15.75 21.55
CA ILE B 219 6.95 15.95 21.43
C ILE B 219 6.61 17.07 22.37
N CYS B 220 6.14 18.18 21.82
CA CYS B 220 5.74 19.32 22.63
C CYS B 220 4.60 18.93 23.57
N PHE B 221 4.16 19.86 24.40
CA PHE B 221 3.11 19.53 25.34
C PHE B 221 1.66 19.37 24.87
N ARG B 222 1.30 19.91 23.71
CA ARG B 222 -0.09 19.73 23.27
C ARG B 222 -0.23 18.49 22.39
N THR B 223 0.88 18.08 21.79
CA THR B 223 0.93 16.89 20.94
C THR B 223 1.02 15.64 21.84
N PHE B 224 0.89 15.87 23.15
CA PHE B 224 0.95 14.83 24.18
C PHE B 224 -0.30 13.97 24.27
N LEU B 225 -1.41 14.60 24.64
CA LEU B 225 -2.69 13.92 24.77
C LEU B 225 -3.03 13.02 23.55
N PRO B 226 -2.90 13.55 22.31
CA PRO B 226 -3.21 12.75 21.11
C PRO B 226 -2.23 11.57 20.91
N PHE B 227 -0.93 11.86 20.91
CA PHE B 227 0.10 10.82 20.74
C PHE B 227 -0.18 9.64 21.66
N ALA B 228 -0.74 9.94 22.83
CA ALA B 228 -1.07 8.91 23.79
C ALA B 228 -2.26 8.20 23.21
N ALA B 229 -3.32 8.96 22.98
CA ALA B 229 -4.57 8.46 22.42
C ALA B 229 -4.35 7.52 21.23
N THR B 230 -3.47 7.88 20.31
CA THR B 230 -3.23 7.01 19.15
C THR B 230 -2.44 5.77 19.50
N VAL B 231 -1.45 5.88 20.39
CA VAL B 231 -0.71 4.68 20.76
C VAL B 231 -1.69 3.75 21.46
N ALA B 232 -2.68 4.36 22.10
CA ALA B 232 -3.71 3.61 22.81
C ALA B 232 -4.59 2.86 21.81
N ILE B 233 -5.42 3.64 21.13
CA ILE B 233 -6.36 3.17 20.14
C ILE B 233 -5.74 2.36 19.01
N MET B 234 -4.54 2.73 18.55
CA MET B 234 -3.92 1.99 17.46
C MET B 234 -3.37 0.64 17.85
N ASP B 235 -2.59 0.57 18.92
CA ASP B 235 -2.05 -0.73 19.34
C ASP B 235 -3.20 -1.71 19.55
N THR B 236 -4.32 -1.19 20.08
CA THR B 236 -5.52 -1.98 20.34
C THR B 236 -5.99 -2.63 19.01
N PHE B 237 -6.40 -1.78 18.06
CA PHE B 237 -6.87 -2.20 16.75
C PHE B 237 -5.83 -3.01 15.99
N GLY B 238 -4.57 -2.60 16.07
CA GLY B 238 -3.48 -3.27 15.38
C GLY B 238 -3.21 -4.68 15.83
N ASP B 239 -3.60 -4.98 17.06
CA ASP B 239 -3.40 -6.32 17.60
C ASP B 239 -4.61 -7.19 17.27
N ILE B 240 -5.81 -6.61 17.44
CA ILE B 240 -7.06 -7.31 17.14
C ILE B 240 -7.05 -7.75 15.66
N PHE B 241 -6.60 -6.87 14.77
CA PHE B 241 -6.52 -7.21 13.37
C PHE B 241 -5.58 -8.41 13.21
N GLU B 242 -4.41 -8.41 13.86
CA GLU B 242 -3.52 -9.56 13.75
C GLU B 242 -4.09 -10.83 14.31
N SER B 243 -4.75 -10.74 15.46
CA SER B 243 -5.35 -11.92 16.06
C SER B 243 -6.38 -12.54 15.10
N ALA B 244 -7.16 -11.69 14.42
CA ALA B 244 -8.17 -12.11 13.45
C ALA B 244 -7.46 -12.80 12.29
N LEU B 245 -6.30 -12.24 11.93
CA LEU B 245 -5.45 -12.73 10.86
C LEU B 245 -4.93 -14.13 11.18
N LYS B 246 -4.67 -14.40 12.45
CA LYS B 246 -4.18 -15.70 12.84
C LYS B 246 -5.28 -16.76 12.97
N ARG B 247 -6.49 -16.35 13.40
CA ARG B 247 -7.61 -17.28 13.54
C ARG B 247 -7.94 -17.87 12.17
N HIS B 248 -7.66 -17.09 11.12
CA HIS B 248 -7.90 -17.55 9.75
C HIS B 248 -6.89 -18.63 9.33
N TYR B 249 -5.66 -18.53 9.84
CA TYR B 249 -4.61 -19.50 9.51
C TYR B 249 -4.50 -20.63 10.52
N GLY B 250 -5.37 -20.59 11.53
CA GLY B 250 -5.43 -21.61 12.55
C GLY B 250 -4.47 -21.60 13.74
N VAL B 251 -3.60 -20.60 13.85
CA VAL B 251 -2.68 -20.57 14.99
C VAL B 251 -2.94 -19.46 16.01
N LYS B 252 -2.26 -19.56 17.15
CA LYS B 252 -2.37 -18.55 18.19
C LYS B 252 -1.03 -17.79 18.31
N ASP B 253 -0.10 -18.13 17.42
CA ASP B 253 1.24 -17.51 17.31
C ASP B 253 1.53 -17.28 15.82
N SER B 254 2.01 -16.09 15.46
CA SER B 254 2.31 -15.75 14.07
C SER B 254 3.40 -16.64 13.44
N GLY B 255 4.26 -17.19 14.28
CA GLY B 255 5.33 -18.04 13.80
C GLY B 255 6.49 -17.91 14.77
N LYS B 256 7.48 -18.79 14.65
CA LYS B 256 8.64 -18.72 15.54
C LYS B 256 9.91 -18.45 14.74
N THR B 257 10.39 -17.21 14.81
CA THR B 257 11.62 -16.81 14.11
C THR B 257 12.69 -16.58 15.16
N LEU B 258 12.42 -15.67 16.07
CA LEU B 258 13.34 -15.37 17.17
C LEU B 258 13.05 -16.39 18.29
N PRO B 259 14.13 -16.93 18.92
CA PRO B 259 13.94 -17.90 20.01
C PRO B 259 13.14 -17.31 21.19
N GLY B 260 13.00 -15.98 21.21
CA GLY B 260 12.25 -15.31 22.26
C GLY B 260 10.82 -15.78 22.38
N HIS B 261 10.05 -15.12 23.24
CA HIS B 261 8.65 -15.48 23.47
C HIS B 261 7.64 -14.87 22.48
N GLY B 262 6.92 -15.76 21.77
CA GLY B 262 5.94 -15.36 20.78
C GLY B 262 6.58 -15.35 19.39
N GLY B 263 5.98 -14.57 18.49
CA GLY B 263 6.49 -14.45 17.14
C GLY B 263 6.93 -13.03 16.88
N MET B 264 7.69 -12.81 15.81
CA MET B 264 8.16 -11.47 15.47
C MET B 264 7.00 -10.55 15.09
N LEU B 265 6.02 -11.09 14.36
CA LEU B 265 4.85 -10.32 13.97
C LEU B 265 4.02 -9.96 15.18
N ASP B 266 4.04 -10.84 16.18
CA ASP B 266 3.30 -10.64 17.43
C ASP B 266 3.84 -9.50 18.33
N ARG B 267 5.17 -9.29 18.31
CA ARG B 267 5.82 -8.22 19.11
C ARG B 267 5.66 -6.83 18.47
N ILE B 268 5.18 -6.85 17.22
CA ILE B 268 5.01 -5.65 16.40
C ILE B 268 3.57 -5.20 16.13
N ASP B 269 2.63 -6.14 15.97
CA ASP B 269 1.23 -5.92 15.59
C ASP B 269 0.56 -4.57 15.93
N GLY B 270 0.65 -4.09 17.15
CA GLY B 270 0.00 -2.83 17.48
C GLY B 270 0.79 -1.64 16.96
N LEU B 271 2.11 -1.82 16.88
CA LEU B 271 3.10 -0.84 16.41
C LEU B 271 2.84 -0.49 14.96
N LEU B 272 2.43 -1.49 14.17
CA LEU B 272 2.11 -1.24 12.79
C LEU B 272 1.05 -0.14 12.69
N PHE B 273 -0.14 -0.35 13.25
CA PHE B 273 -1.15 0.71 13.18
C PHE B 273 -0.75 2.02 13.81
N VAL B 274 0.19 1.97 14.75
CA VAL B 274 0.64 3.17 15.44
C VAL B 274 1.46 4.12 14.55
N ALA B 275 2.66 3.69 14.16
CA ALA B 275 3.56 4.49 13.31
C ALA B 275 2.85 5.42 12.29
N PRO B 276 2.02 4.85 11.40
CA PRO B 276 1.30 5.67 10.41
C PRO B 276 0.52 6.76 11.07
N VAL B 277 -0.40 6.38 11.94
CA VAL B 277 -1.25 7.33 12.63
C VAL B 277 -0.45 8.35 13.44
N CYS B 278 0.70 7.92 13.96
CA CYS B 278 1.57 8.80 14.75
C CYS B 278 2.18 9.86 13.88
N TYR B 279 2.72 9.44 12.74
CA TYR B 279 3.34 10.35 11.78
C TYR B 279 2.35 11.43 11.33
N ILE B 280 1.09 11.02 11.12
CA ILE B 280 0.04 11.93 10.71
C ILE B 280 -0.15 12.96 11.81
N VAL B 281 -0.33 12.44 13.03
CA VAL B 281 -0.55 13.23 14.23
C VAL B 281 0.59 14.24 14.49
N PHE B 282 1.81 13.82 14.21
CA PHE B 282 2.97 14.69 14.38
C PHE B 282 2.96 15.84 13.40
N LYS B 283 2.73 15.53 12.12
CA LYS B 283 2.68 16.55 11.08
C LYS B 283 1.59 17.59 11.35
N ILE B 284 0.41 17.09 11.75
CA ILE B 284 -0.74 17.95 12.06
C ILE B 284 -0.38 18.86 13.21
N LEU B 285 0.31 18.32 14.19
CA LEU B 285 0.65 19.08 15.38
C LEU B 285 2.09 19.54 15.62
N GLU B 286 3.09 19.25 14.75
CA GLU B 286 4.44 19.72 15.04
C GLU B 286 5.33 20.21 13.90
N GLY B 287 4.79 20.38 12.70
CA GLY B 287 5.55 20.89 11.56
C GLY B 287 6.74 20.01 11.19
N VAL B 288 7.76 20.61 10.59
CA VAL B 288 8.95 19.86 10.19
C VAL B 288 10.16 20.32 10.99
N VAL B 289 10.13 19.91 12.25
CA VAL B 289 11.18 20.12 13.20
C VAL B 289 12.27 19.11 12.80
N ARG B 290 13.01 19.44 11.74
CA ARG B 290 14.05 18.56 11.15
C ARG B 290 15.01 17.91 12.13
HG HG C . 13.87 15.41 -22.73
HG HG D . -14.82 16.41 -17.97
MG MG E . -7.72 -4.09 -20.67
C1 BNG F . -12.24 3.42 -23.39
C2 BNG F . -11.85 4.14 -24.71
C3 BNG F . -11.81 3.16 -25.91
C4 BNG F . -10.90 1.98 -25.55
C5 BNG F . -11.52 1.30 -24.30
C6 BNG F . -10.85 -0.01 -23.87
C1' BNG F . -12.71 4.09 -21.11
C2' BNG F . -12.66 5.31 -20.21
C3' BNG F . -11.77 5.07 -19.00
C4' BNG F . -11.45 6.38 -18.29
C5' BNG F . -10.26 6.20 -17.38
C6' BNG F . -9.34 7.40 -17.46
C7' BNG F . -8.20 7.29 -16.45
C8' BNG F . -7.54 8.65 -16.20
C9' BNG F . -8.12 9.31 -14.96
O1 BNG F . -11.97 4.27 -22.32
O2 BNG F . -12.78 5.20 -25.01
O3 BNG F . -11.31 3.81 -27.06
O4 BNG F . -10.84 1.06 -26.64
O5 BNG F . -11.48 2.21 -23.19
O6 BNG F . -9.43 0.04 -24.01
HG HG G . 5.86 22.66 22.05
HG HG H . 21.80 -1.93 16.68
MG MG I . 1.23 -7.50 20.21
C1 BNG J . 10.16 -6.62 23.26
C2 BNG J . 10.28 -5.47 24.28
C3 BNG J . 9.13 -5.51 25.28
C4 BNG J . 7.91 -6.41 24.89
C5 BNG J . 7.80 -6.92 23.42
C6 BNG J . 6.52 -6.47 22.71
C1' BNG J . 10.80 -6.65 20.90
C2' BNG J . 11.77 -5.94 19.95
C3' BNG J . 11.33 -6.03 18.47
C4' BNG J . 10.16 -5.09 18.17
C5' BNG J . 10.62 -3.65 18.02
C6' BNG J . 11.29 -3.39 16.67
C7' BNG J . 11.50 -1.90 16.40
C8' BNG J . 10.96 -1.48 15.03
C9' BNG J . 11.60 -0.20 14.52
O1 BNG J . 11.17 -6.53 22.30
O2 BNG J . 11.53 -5.57 24.98
O3 BNG J . 8.67 -4.18 25.53
O4 BNG J . 7.86 -7.52 25.77
O5 BNG J . 8.90 -6.49 22.60
O6 BNG J . 5.63 -5.78 23.57
#